data_6L3O
#
_entry.id   6L3O
#
_cell.length_a   87.745
_cell.length_b   87.745
_cell.length_c   198.223
_cell.angle_alpha   90.000
_cell.angle_beta   90.000
_cell.angle_gamma   120.000
#
_symmetry.space_group_name_H-M   'H 3'
#
loop_
_entity.id
_entity.type
_entity.pdbx_description
1 polymer 'Hydroxycinnamoyl-CoA hydratase-lyase'
2 water water
#
_entity_poly.entity_id   1
_entity_poly.type   'polypeptide(L)'
_entity_poly.pdbx_seq_one_letter_code
;MSKYEGRWTTVKVELEAGIAWVTLNRPEKRNAMSPTLNREMVDVLETLEQDADAGVLVLTGAGESWTAGMDLKEYFREVD
AGPEILQEKIRREASQWQWKLLRLYAKPTIAMVNGWCFGGGFSPLVACDLAICANEATFGLSEINWGIPPGNLVSKAMAD
TVGHRQSLYYIMTGKTFDGRKAAEMGLVNDSVPLAELRETTRELALNLLEKNPVVLRAAKNGFKRCRELTWEQNEDYLYA
KLDQSRLLDTTGGREQGMKQFLDDKSIKPGLQAYKRLEHHHHHH
;
_entity_poly.pdbx_strand_id   A,B
#
# COMPACT_ATOMS: atom_id res chain seq x y z
N SER A 2 -21.24 -16.58 17.56
CA SER A 2 -19.91 -16.90 16.97
C SER A 2 -18.94 -15.73 17.16
N LYS A 3 -17.64 -16.01 17.04
CA LYS A 3 -16.53 -15.04 17.25
C LYS A 3 -16.73 -13.70 16.57
N TYR A 4 -17.15 -13.69 15.31
CA TYR A 4 -17.27 -12.39 14.57
C TYR A 4 -18.72 -12.00 14.31
N GLU A 5 -19.69 -12.59 15.02
CA GLU A 5 -21.12 -12.29 14.77
C GLU A 5 -21.42 -10.79 14.88
N GLY A 6 -22.17 -10.28 13.90
CA GLY A 6 -22.64 -8.88 13.84
C GLY A 6 -21.56 -7.84 13.83
N ARG A 7 -20.31 -8.21 13.55
CA ARG A 7 -19.20 -7.24 13.60
C ARG A 7 -19.24 -6.27 12.42
N TRP A 8 -19.57 -6.76 11.22
CA TRP A 8 -19.57 -5.93 10.00
C TRP A 8 -20.95 -5.96 9.37
N THR A 9 -21.34 -4.84 8.79
CA THR A 9 -22.66 -4.64 8.19
C THR A 9 -22.73 -5.26 6.79
N THR A 10 -21.62 -5.37 6.04
CA THR A 10 -21.65 -5.81 4.62
C THR A 10 -20.91 -7.12 4.40
N VAL A 11 -20.33 -7.70 5.44
CA VAL A 11 -19.44 -8.91 5.40
C VAL A 11 -19.74 -9.79 6.62
N LYS A 12 -19.72 -11.10 6.41
CA LYS A 12 -19.82 -12.13 7.46
C LYS A 12 -18.54 -12.96 7.47
N VAL A 13 -18.03 -13.29 8.65
CA VAL A 13 -16.86 -14.17 8.86
C VAL A 13 -17.29 -15.32 9.75
N GLU A 14 -17.11 -16.55 9.30
CA GLU A 14 -17.28 -17.82 10.05
C GLU A 14 -15.91 -18.50 10.13
N LEU A 15 -15.39 -18.73 11.34
CA LEU A 15 -14.13 -19.45 11.59
C LEU A 15 -14.46 -20.87 12.02
N GLU A 16 -13.88 -21.86 11.36
CA GLU A 16 -14.04 -23.28 11.75
C GLU A 16 -12.86 -24.07 11.23
N ALA A 17 -12.28 -24.89 12.11
CA ALA A 17 -11.17 -25.80 11.78
C ALA A 17 -10.00 -25.04 11.15
N GLY A 18 -9.76 -23.79 11.55
CA GLY A 18 -8.64 -22.97 11.06
C GLY A 18 -9.00 -22.24 9.77
N ILE A 19 -10.19 -22.44 9.23
CA ILE A 19 -10.66 -21.82 7.97
C ILE A 19 -11.49 -20.59 8.31
N ALA A 20 -11.08 -19.42 7.83
CA ALA A 20 -11.90 -18.21 7.89
C ALA A 20 -12.72 -18.09 6.60
N TRP A 21 -14.00 -18.43 6.69
CA TRP A 21 -14.96 -18.28 5.58
C TRP A 21 -15.43 -16.82 5.60
N VAL A 22 -15.00 -16.06 4.61
CA VAL A 22 -15.34 -14.62 4.51
C VAL A 22 -16.40 -14.51 3.43
N THR A 23 -17.61 -14.12 3.81
CA THR A 23 -18.76 -13.99 2.88
C THR A 23 -19.10 -12.52 2.69
N LEU A 24 -18.87 -11.99 1.48
CA LEU A 24 -19.44 -10.69 1.03
C LEU A 24 -20.95 -10.81 1.19
N ASN A 25 -21.56 -9.85 1.92
CA ASN A 25 -22.92 -10.08 2.47
C ASN A 25 -23.83 -8.88 2.17
N ARG A 26 -24.11 -8.62 0.90
CA ARG A 26 -25.19 -7.71 0.44
C ARG A 26 -25.95 -8.43 -0.67
N PRO A 27 -26.56 -9.60 -0.35
CA PRO A 27 -27.10 -10.49 -1.41
C PRO A 27 -28.12 -9.84 -2.36
N GLU A 28 -28.97 -8.93 -1.82
CA GLU A 28 -30.04 -8.24 -2.58
C GLU A 28 -29.41 -7.28 -3.58
N LYS A 29 -28.19 -6.81 -3.31
CA LYS A 29 -27.42 -5.94 -4.23
C LYS A 29 -26.29 -6.72 -4.89
N ARG A 30 -26.41 -8.05 -4.98
CA ARG A 30 -25.39 -8.91 -5.64
C ARG A 30 -24.00 -8.66 -5.04
N ASN A 31 -23.92 -8.34 -3.75
CA ASN A 31 -22.67 -8.14 -2.97
C ASN A 31 -21.85 -7.06 -3.69
N ALA A 32 -22.50 -6.08 -4.30
CA ALA A 32 -21.79 -4.92 -4.93
C ALA A 32 -20.83 -4.28 -3.92
N MET A 33 -19.63 -3.88 -4.39
CA MET A 33 -18.58 -3.39 -3.49
C MET A 33 -18.81 -1.88 -3.36
N SER A 34 -19.52 -1.49 -2.32
CA SER A 34 -19.70 -0.08 -1.91
C SER A 34 -18.47 0.39 -1.14
N PRO A 35 -18.29 1.72 -0.96
CA PRO A 35 -17.25 2.21 -0.04
C PRO A 35 -17.33 1.61 1.38
N THR A 36 -18.54 1.38 1.93
CA THR A 36 -18.60 0.75 3.26
C THR A 36 -18.03 -0.67 3.22
N LEU A 37 -18.38 -1.45 2.19
CA LEU A 37 -17.85 -2.86 2.10
C LEU A 37 -16.33 -2.79 1.97
N ASN A 38 -15.80 -1.83 1.21
CA ASN A 38 -14.32 -1.73 1.07
C ASN A 38 -13.69 -1.46 2.43
N ARG A 39 -14.20 -0.50 3.21
CA ARG A 39 -13.60 -0.19 4.52
C ARG A 39 -13.70 -1.41 5.44
N GLU A 40 -14.85 -2.11 5.45
CA GLU A 40 -15.06 -3.27 6.33
C GLU A 40 -14.11 -4.38 5.90
N MET A 41 -13.91 -4.55 4.60
CA MET A 41 -13.00 -5.64 4.11
C MET A 41 -11.53 -5.37 4.46
N VAL A 42 -11.11 -4.11 4.49
CA VAL A 42 -9.78 -3.77 5.02
C VAL A 42 -9.68 -4.26 6.45
N ASP A 43 -10.71 -3.96 7.27
CA ASP A 43 -10.73 -4.32 8.71
C ASP A 43 -10.73 -5.84 8.88
N VAL A 44 -11.54 -6.53 8.10
CA VAL A 44 -11.59 -8.03 8.07
C VAL A 44 -10.20 -8.61 7.83
N LEU A 45 -9.50 -8.18 6.79
CA LEU A 45 -8.18 -8.76 6.44
C LEU A 45 -7.15 -8.46 7.54
N GLU A 46 -7.17 -7.24 8.12
CA GLU A 46 -6.19 -6.86 9.15
C GLU A 46 -6.46 -7.67 10.42
N THR A 47 -7.75 -7.80 10.74
CA THR A 47 -8.23 -8.57 11.92
C THR A 47 -7.81 -10.04 11.76
N LEU A 48 -8.14 -10.65 10.62
CA LEU A 48 -7.86 -12.10 10.40
C LEU A 48 -6.36 -12.34 10.33
N GLU A 49 -5.55 -11.39 9.87
CA GLU A 49 -4.09 -11.60 9.76
C GLU A 49 -3.53 -11.90 11.16
N GLN A 50 -4.06 -11.25 12.18
CA GLN A 50 -3.51 -11.34 13.56
C GLN A 50 -4.31 -12.38 14.35
N ASP A 51 -5.35 -12.99 13.76
CA ASP A 51 -6.15 -14.08 14.42
C ASP A 51 -5.39 -15.38 14.28
N ALA A 52 -4.76 -15.85 15.36
CA ALA A 52 -3.95 -17.09 15.41
C ALA A 52 -4.80 -18.33 15.07
N ASP A 53 -6.12 -18.24 15.14
CA ASP A 53 -7.04 -19.38 14.91
C ASP A 53 -7.48 -19.42 13.44
N ALA A 54 -7.01 -18.48 12.60
CA ALA A 54 -7.35 -18.46 11.16
C ALA A 54 -6.05 -18.76 10.39
N GLY A 55 -5.98 -19.90 9.71
CA GLY A 55 -4.77 -20.31 8.98
C GLY A 55 -4.93 -20.13 7.48
N VAL A 56 -6.16 -20.01 7.00
CA VAL A 56 -6.49 -19.92 5.54
C VAL A 56 -7.78 -19.11 5.42
N LEU A 57 -7.89 -18.30 4.39
CA LEU A 57 -9.07 -17.48 4.13
C LEU A 57 -9.73 -18.00 2.87
N VAL A 58 -11.05 -18.11 2.92
CA VAL A 58 -11.90 -18.38 1.74
C VAL A 58 -12.82 -17.18 1.51
N LEU A 59 -12.74 -16.56 0.34
CA LEU A 59 -13.57 -15.38 -0.01
C LEU A 59 -14.73 -15.82 -0.91
N THR A 60 -15.96 -15.65 -0.44
CA THR A 60 -17.17 -16.10 -1.16
C THR A 60 -18.26 -15.03 -1.00
N GLY A 61 -19.38 -15.26 -1.64
CA GLY A 61 -20.53 -14.33 -1.69
C GLY A 61 -21.80 -14.97 -1.16
N ALA A 62 -22.65 -14.13 -0.59
CA ALA A 62 -23.98 -14.57 -0.11
C ALA A 62 -24.94 -14.63 -1.29
N GLY A 63 -25.91 -15.55 -1.27
CA GLY A 63 -26.88 -15.59 -2.35
C GLY A 63 -26.26 -16.09 -3.63
N GLU A 64 -26.82 -15.67 -4.75
CA GLU A 64 -26.49 -16.20 -6.09
C GLU A 64 -25.30 -15.44 -6.68
N SER A 65 -24.76 -14.52 -5.91
CA SER A 65 -23.62 -13.67 -6.38
C SER A 65 -22.34 -13.97 -5.65
N TRP A 66 -21.22 -13.85 -6.39
CA TRP A 66 -19.94 -13.68 -5.71
C TRP A 66 -19.79 -12.18 -5.47
N THR A 67 -19.53 -11.38 -6.51
CA THR A 67 -19.77 -9.92 -6.44
C THR A 67 -20.07 -9.42 -7.83
N ALA A 68 -21.09 -8.58 -7.96
CA ALA A 68 -21.43 -7.91 -9.23
C ALA A 68 -20.43 -6.80 -9.56
N GLY A 69 -19.49 -6.49 -8.68
CA GLY A 69 -18.48 -5.44 -8.94
C GLY A 69 -18.82 -4.17 -8.17
N MET A 70 -18.47 -3.02 -8.72
CA MET A 70 -18.57 -1.78 -7.92
C MET A 70 -20.05 -1.43 -7.77
N ASP A 71 -20.41 -0.98 -6.58
CA ASP A 71 -21.74 -0.34 -6.32
C ASP A 71 -21.68 1.08 -6.87
N LEU A 72 -22.08 1.29 -8.14
CA LEU A 72 -22.00 2.64 -8.79
C LEU A 72 -22.76 3.65 -7.93
N LYS A 73 -23.98 3.30 -7.50
CA LYS A 73 -24.91 4.21 -6.80
C LYS A 73 -24.23 4.78 -5.55
N GLU A 74 -23.76 3.92 -4.65
CA GLU A 74 -23.16 4.33 -3.35
C GLU A 74 -21.79 5.00 -3.56
N TYR A 75 -21.00 4.59 -4.56
CA TYR A 75 -19.71 5.26 -4.89
C TYR A 75 -19.99 6.74 -5.20
N PHE A 76 -20.86 7.02 -6.18
CA PHE A 76 -21.19 8.38 -6.72
C PHE A 76 -21.90 9.26 -5.67
N ARG A 77 -22.67 8.64 -4.76
CA ARG A 77 -23.30 9.32 -3.60
C ARG A 77 -22.18 9.88 -2.70
N GLU A 78 -21.15 9.07 -2.40
CA GLU A 78 -20.04 9.52 -1.53
C GLU A 78 -19.19 10.55 -2.28
N VAL A 79 -18.77 10.29 -3.53
CA VAL A 79 -17.75 11.14 -4.23
C VAL A 79 -18.36 12.53 -4.51
N ASP A 80 -19.49 12.56 -5.25
CA ASP A 80 -20.16 13.80 -5.76
C ASP A 80 -20.52 14.73 -4.58
N ALA A 81 -20.81 14.16 -3.40
CA ALA A 81 -20.98 14.90 -2.12
C ALA A 81 -19.73 15.74 -1.81
N GLY A 82 -18.56 15.11 -1.80
CA GLY A 82 -17.33 15.66 -1.17
C GLY A 82 -16.42 16.34 -2.19
N PRO A 83 -15.29 16.93 -1.71
CA PRO A 83 -14.25 17.46 -2.60
C PRO A 83 -13.57 16.36 -3.46
N GLU A 84 -12.85 16.79 -4.49
CA GLU A 84 -12.12 15.89 -5.43
C GLU A 84 -11.37 14.82 -4.62
N ILE A 85 -10.72 15.23 -3.52
CA ILE A 85 -9.77 14.42 -2.72
C ILE A 85 -10.49 13.23 -2.09
N LEU A 86 -11.82 13.25 -1.97
CA LEU A 86 -12.52 12.06 -1.41
C LEU A 86 -12.34 10.88 -2.39
N GLN A 87 -12.37 11.13 -3.70
CA GLN A 87 -12.20 10.03 -4.70
C GLN A 87 -10.83 9.32 -4.48
N GLU A 88 -9.75 10.04 -4.16
CA GLU A 88 -8.42 9.41 -3.90
C GLU A 88 -8.54 8.39 -2.76
N LYS A 89 -9.19 8.76 -1.66
CA LYS A 89 -9.36 7.89 -0.47
C LYS A 89 -10.22 6.68 -0.84
N ILE A 90 -11.32 6.91 -1.57
CA ILE A 90 -12.29 5.84 -1.93
C ILE A 90 -11.55 4.82 -2.81
N ARG A 91 -10.76 5.28 -3.78
CA ARG A 91 -10.05 4.36 -4.72
C ARG A 91 -9.03 3.58 -3.90
N ARG A 92 -8.40 4.25 -2.94
CA ARG A 92 -7.31 3.62 -2.17
C ARG A 92 -7.92 2.51 -1.29
N GLU A 93 -9.09 2.77 -0.72
CA GLU A 93 -9.81 1.80 0.16
C GLU A 93 -10.13 0.55 -0.67
N ALA A 94 -10.59 0.74 -1.90
CA ALA A 94 -10.93 -0.37 -2.82
C ALA A 94 -9.63 -1.16 -3.05
N SER A 95 -8.58 -0.48 -3.46
CA SER A 95 -7.28 -1.18 -3.71
C SER A 95 -6.77 -1.89 -2.46
N GLN A 96 -6.93 -1.25 -1.31
CA GLN A 96 -6.32 -1.73 -0.04
C GLN A 96 -6.75 -3.18 0.25
N TRP A 97 -8.04 -3.46 0.23
CA TRP A 97 -8.52 -4.85 0.49
C TRP A 97 -8.45 -5.70 -0.75
N GLN A 98 -8.61 -5.13 -1.94
CA GLN A 98 -8.86 -5.97 -3.14
C GLN A 98 -7.54 -6.60 -3.53
N TRP A 99 -6.44 -5.90 -3.32
CA TRP A 99 -5.13 -6.51 -3.69
C TRP A 99 -3.92 -6.01 -2.90
N LYS A 100 -3.87 -4.78 -2.37
CA LYS A 100 -2.65 -4.32 -1.64
C LYS A 100 -2.40 -5.17 -0.40
N LEU A 101 -3.43 -5.50 0.37
CA LEU A 101 -3.28 -6.48 1.47
C LEU A 101 -3.44 -7.90 0.95
N LEU A 102 -4.35 -8.14 0.00
CA LEU A 102 -4.86 -9.49 -0.33
C LEU A 102 -3.86 -10.23 -1.24
N ARG A 103 -3.24 -9.57 -2.24
CA ARG A 103 -2.47 -10.33 -3.25
C ARG A 103 -1.28 -11.03 -2.58
N LEU A 104 -0.56 -10.33 -1.69
CA LEU A 104 0.61 -10.89 -0.98
C LEU A 104 0.26 -11.03 0.50
N TYR A 105 -0.95 -11.48 0.78
CA TYR A 105 -1.43 -11.69 2.18
C TYR A 105 -0.58 -12.76 2.87
N ALA A 106 -0.41 -12.62 4.18
CA ALA A 106 0.50 -13.50 4.95
C ALA A 106 -0.03 -14.93 4.99
N LYS A 107 -1.34 -15.12 4.89
CA LYS A 107 -1.99 -16.44 4.95
C LYS A 107 -2.44 -16.84 3.56
N PRO A 108 -2.52 -18.16 3.26
CA PRO A 108 -3.11 -18.61 2.01
C PRO A 108 -4.56 -18.16 1.84
N THR A 109 -4.89 -17.81 0.60
CA THR A 109 -6.22 -17.29 0.23
C THR A 109 -6.78 -18.04 -0.95
N ILE A 110 -8.09 -18.28 -0.90
CA ILE A 110 -8.83 -19.01 -1.95
C ILE A 110 -10.10 -18.26 -2.24
N ALA A 111 -10.32 -17.92 -3.48
CA ALA A 111 -11.62 -17.40 -3.91
C ALA A 111 -12.55 -18.57 -4.21
N MET A 112 -13.76 -18.55 -3.65
CA MET A 112 -14.76 -19.61 -3.87
C MET A 112 -15.95 -18.97 -4.59
N VAL A 113 -15.90 -19.01 -5.92
CA VAL A 113 -16.80 -18.22 -6.79
C VAL A 113 -18.10 -19.00 -7.02
N ASN A 114 -19.12 -18.65 -6.22
CA ASN A 114 -20.43 -19.38 -6.21
C ASN A 114 -21.37 -18.92 -7.31
N GLY A 115 -21.20 -17.70 -7.83
CA GLY A 115 -22.16 -17.10 -8.77
C GLY A 115 -21.53 -15.95 -9.51
N TRP A 116 -22.34 -14.93 -9.76
CA TRP A 116 -22.00 -13.74 -10.58
C TRP A 116 -20.68 -13.20 -10.10
N CYS A 117 -19.77 -12.93 -11.05
CA CYS A 117 -18.47 -12.29 -10.78
C CYS A 117 -18.23 -11.32 -11.93
N PHE A 118 -18.51 -10.04 -11.70
CA PHE A 118 -18.46 -9.02 -12.77
C PHE A 118 -17.48 -7.91 -12.38
N GLY A 119 -16.82 -7.37 -13.41
CA GLY A 119 -16.03 -6.13 -13.36
C GLY A 119 -15.04 -6.09 -12.22
N GLY A 120 -15.20 -5.14 -11.32
CA GLY A 120 -14.31 -4.99 -10.17
C GLY A 120 -14.04 -6.27 -9.39
N GLY A 121 -14.94 -7.26 -9.42
CA GLY A 121 -14.68 -8.50 -8.68
C GLY A 121 -13.44 -9.21 -9.18
N PHE A 122 -13.00 -8.91 -10.40
CA PHE A 122 -11.80 -9.59 -10.97
C PHE A 122 -10.52 -9.32 -10.18
N SER A 123 -10.40 -8.16 -9.54
CA SER A 123 -9.20 -7.76 -8.80
C SER A 123 -9.04 -8.67 -7.60
N PRO A 124 -10.00 -8.77 -6.65
CA PRO A 124 -9.77 -9.68 -5.55
C PRO A 124 -9.76 -11.15 -5.99
N LEU A 125 -10.46 -11.46 -7.06
CA LEU A 125 -10.52 -12.85 -7.59
C LEU A 125 -9.08 -13.30 -7.84
N VAL A 126 -8.31 -12.46 -8.51
CA VAL A 126 -6.92 -12.81 -8.93
C VAL A 126 -5.95 -12.56 -7.79
N ALA A 127 -6.20 -11.59 -6.90
CA ALA A 127 -5.37 -11.36 -5.70
C ALA A 127 -5.35 -12.63 -4.83
N CYS A 128 -6.52 -13.24 -4.65
CA CYS A 128 -6.63 -14.56 -3.98
C CYS A 128 -5.63 -15.53 -4.63
N ASP A 129 -4.92 -16.32 -3.85
CA ASP A 129 -3.85 -17.21 -4.35
C ASP A 129 -4.47 -18.20 -5.33
N LEU A 130 -5.48 -18.92 -4.86
CA LEU A 130 -6.15 -19.98 -5.61
C LEU A 130 -7.64 -19.64 -5.76
N ALA A 131 -8.33 -20.31 -6.66
CA ALA A 131 -9.75 -20.03 -6.91
C ALA A 131 -10.40 -21.26 -7.47
N ILE A 132 -11.57 -21.57 -6.90
CA ILE A 132 -12.49 -22.59 -7.45
C ILE A 132 -13.83 -21.90 -7.69
N CYS A 133 -14.45 -22.17 -8.83
CA CYS A 133 -15.77 -21.63 -9.15
C CYS A 133 -16.74 -22.77 -9.35
N ALA A 134 -18.01 -22.43 -9.22
CA ALA A 134 -19.08 -23.32 -9.73
C ALA A 134 -19.10 -23.31 -11.25
N ASN A 135 -19.50 -24.42 -11.88
CA ASN A 135 -19.81 -24.42 -13.32
C ASN A 135 -20.89 -23.39 -13.62
N GLU A 136 -21.80 -23.23 -12.67
CA GLU A 136 -22.99 -22.36 -12.76
C GLU A 136 -22.58 -20.88 -12.62
N ALA A 137 -21.34 -20.57 -12.18
CA ALA A 137 -20.89 -19.17 -12.05
C ALA A 137 -20.86 -18.53 -13.44
N THR A 138 -21.17 -17.23 -13.47
CA THR A 138 -21.13 -16.42 -14.69
C THR A 138 -20.22 -15.21 -14.41
N PHE A 139 -19.33 -14.97 -15.36
CA PHE A 139 -18.27 -13.95 -15.31
C PHE A 139 -18.51 -12.96 -16.43
N GLY A 140 -18.12 -11.70 -16.22
CA GLY A 140 -18.07 -10.75 -17.32
C GLY A 140 -17.35 -9.49 -16.96
N LEU A 141 -16.66 -8.92 -17.92
CA LEU A 141 -16.10 -7.56 -17.82
C LEU A 141 -17.06 -6.56 -18.48
N SER A 142 -18.12 -6.19 -17.75
CA SER A 142 -19.28 -5.44 -18.26
C SER A 142 -18.92 -3.95 -18.39
N GLU A 143 -17.72 -3.54 -17.95
CA GLU A 143 -17.33 -2.11 -17.92
C GLU A 143 -17.59 -1.49 -19.30
N ILE A 144 -17.18 -2.16 -20.37
CA ILE A 144 -17.27 -1.61 -21.75
C ILE A 144 -18.73 -1.25 -22.07
N ASN A 145 -19.67 -2.07 -21.62
CA ASN A 145 -21.11 -1.86 -21.94
C ASN A 145 -21.65 -0.71 -21.06
N TRP A 146 -21.00 -0.42 -19.93
CA TRP A 146 -21.38 0.73 -19.08
C TRP A 146 -20.64 2.02 -19.53
N GLY A 147 -19.81 2.00 -20.57
CA GLY A 147 -19.04 3.18 -21.02
C GLY A 147 -17.82 3.53 -20.18
N ILE A 148 -17.19 2.58 -19.49
CA ILE A 148 -15.86 2.80 -18.84
C ILE A 148 -14.91 1.67 -19.21
N PRO A 149 -13.59 1.93 -19.32
CA PRO A 149 -12.66 0.83 -19.46
C PRO A 149 -12.63 0.20 -18.06
N PRO A 150 -12.06 -1.02 -17.89
CA PRO A 150 -11.91 -1.60 -16.55
C PRO A 150 -11.09 -0.68 -15.65
N GLY A 151 -11.58 -0.46 -14.43
CA GLY A 151 -10.89 0.36 -13.43
C GLY A 151 -10.17 -0.45 -12.38
N ASN A 152 -9.39 0.24 -11.58
CA ASN A 152 -8.57 -0.39 -10.54
C ASN A 152 -7.72 -1.43 -11.27
N LEU A 153 -7.49 -2.57 -10.67
CA LEU A 153 -6.48 -3.52 -11.20
C LEU A 153 -7.13 -4.59 -12.09
N VAL A 154 -8.38 -4.40 -12.54
CA VAL A 154 -9.13 -5.45 -13.28
C VAL A 154 -8.32 -5.91 -14.51
N SER A 155 -7.80 -4.97 -15.29
CA SER A 155 -7.14 -5.35 -16.56
C SER A 155 -5.86 -6.12 -16.25
N LYS A 156 -5.19 -5.78 -15.13
CA LYS A 156 -3.92 -6.45 -14.77
C LYS A 156 -4.24 -7.84 -14.20
N ALA A 157 -5.34 -7.94 -13.47
CA ALA A 157 -5.83 -9.24 -12.99
C ALA A 157 -5.99 -10.18 -14.19
N MET A 158 -6.61 -9.70 -15.25
CA MET A 158 -6.74 -10.48 -16.51
C MET A 158 -5.36 -10.77 -17.06
N ALA A 159 -4.53 -9.74 -17.20
CA ALA A 159 -3.21 -9.94 -17.87
C ALA A 159 -2.43 -11.02 -17.13
N ASP A 160 -2.55 -11.13 -15.83
CA ASP A 160 -1.74 -12.13 -15.05
C ASP A 160 -2.27 -13.56 -15.21
N THR A 161 -3.51 -13.79 -15.63
CA THR A 161 -4.15 -15.11 -15.52
C THR A 161 -4.70 -15.62 -16.85
N VAL A 162 -5.10 -14.73 -17.75
CA VAL A 162 -5.82 -15.10 -19.01
C VAL A 162 -4.96 -14.63 -20.19
N GLY A 163 -4.86 -15.49 -21.17
CA GLY A 163 -4.08 -15.25 -22.39
C GLY A 163 -4.48 -13.97 -23.03
N HIS A 164 -3.53 -13.35 -23.71
CA HIS A 164 -3.70 -12.04 -24.38
C HIS A 164 -5.00 -11.98 -25.18
N ARG A 165 -5.19 -12.93 -26.12
CA ARG A 165 -6.35 -12.89 -27.05
C ARG A 165 -7.67 -12.99 -26.29
N GLN A 166 -7.74 -13.92 -25.33
CA GLN A 166 -9.00 -14.14 -24.59
C GLN A 166 -9.26 -12.91 -23.71
N SER A 167 -8.23 -12.39 -23.03
CA SER A 167 -8.40 -11.16 -22.23
C SER A 167 -9.02 -10.07 -23.08
N LEU A 168 -8.37 -9.77 -24.22
CA LEU A 168 -8.86 -8.68 -25.07
C LEU A 168 -10.29 -8.98 -25.56
N TYR A 169 -10.60 -10.23 -25.92
CA TYR A 169 -11.97 -10.54 -26.41
C TYR A 169 -13.01 -10.17 -25.34
N TYR A 170 -12.77 -10.58 -24.10
CA TYR A 170 -13.76 -10.38 -22.99
C TYR A 170 -13.78 -8.93 -22.53
N ILE A 171 -12.65 -8.23 -22.59
CA ILE A 171 -12.62 -6.80 -22.23
C ILE A 171 -13.33 -6.00 -23.33
N MET A 172 -13.04 -6.28 -24.59
CA MET A 172 -13.55 -5.46 -25.71
C MET A 172 -15.06 -5.72 -25.95
N THR A 173 -15.52 -6.96 -25.81
CA THR A 173 -16.91 -7.32 -26.17
C THR A 173 -17.79 -7.18 -24.95
N GLY A 174 -17.24 -7.38 -23.75
CA GLY A 174 -18.06 -7.45 -22.53
C GLY A 174 -18.97 -8.67 -22.49
N LYS A 175 -18.70 -9.68 -23.29
CA LYS A 175 -19.51 -10.94 -23.29
C LYS A 175 -19.27 -11.75 -22.03
N THR A 176 -20.32 -12.44 -21.55
CA THR A 176 -20.18 -13.25 -20.33
C THR A 176 -19.60 -14.61 -20.67
N PHE A 177 -19.03 -15.28 -19.66
CA PHE A 177 -18.50 -16.65 -19.80
C PHE A 177 -18.83 -17.40 -18.51
N ASP A 178 -18.91 -18.72 -18.62
CA ASP A 178 -19.31 -19.60 -17.49
C ASP A 178 -18.08 -20.20 -16.79
N GLY A 179 -18.34 -20.96 -15.73
CA GLY A 179 -17.29 -21.53 -14.89
C GLY A 179 -16.32 -22.40 -15.68
N ARG A 180 -16.84 -23.25 -16.55
CA ARG A 180 -15.94 -24.13 -17.33
C ARG A 180 -14.99 -23.27 -18.17
N LYS A 181 -15.51 -22.23 -18.81
CA LYS A 181 -14.63 -21.37 -19.62
C LYS A 181 -13.62 -20.67 -18.71
N ALA A 182 -14.00 -20.19 -17.54
CA ALA A 182 -13.06 -19.57 -16.56
C ALA A 182 -11.92 -20.55 -16.27
N ALA A 183 -12.20 -21.83 -16.06
CA ALA A 183 -11.12 -22.80 -15.71
C ALA A 183 -10.28 -23.02 -16.97
N GLU A 184 -10.92 -23.18 -18.12
CA GLU A 184 -10.21 -23.44 -19.40
C GLU A 184 -9.21 -22.30 -19.65
N MET A 185 -9.58 -21.07 -19.32
CA MET A 185 -8.72 -19.89 -19.63
C MET A 185 -7.64 -19.63 -18.57
N GLY A 186 -7.74 -20.28 -17.42
CA GLY A 186 -6.76 -20.10 -16.34
C GLY A 186 -7.14 -19.03 -15.34
N LEU A 187 -8.37 -18.51 -15.43
CA LEU A 187 -8.80 -17.44 -14.50
C LEU A 187 -8.95 -18.06 -13.13
N VAL A 188 -9.35 -19.34 -13.10
CA VAL A 188 -9.48 -20.10 -11.83
C VAL A 188 -8.72 -21.42 -11.94
N ASN A 189 -8.48 -22.10 -10.81
CA ASN A 189 -7.84 -23.43 -10.77
C ASN A 189 -8.79 -24.47 -11.36
N ASP A 190 -10.06 -24.41 -10.98
CA ASP A 190 -10.99 -25.51 -11.30
C ASP A 190 -12.40 -24.97 -11.26
N SER A 191 -13.25 -25.49 -12.12
CA SER A 191 -14.71 -25.30 -12.10
C SER A 191 -15.39 -26.62 -11.75
N VAL A 192 -16.21 -26.64 -10.70
CA VAL A 192 -16.88 -27.89 -10.27
C VAL A 192 -18.35 -27.60 -10.12
N PRO A 193 -19.24 -28.60 -10.10
CA PRO A 193 -20.65 -28.26 -9.84
C PRO A 193 -20.83 -27.50 -8.55
N LEU A 194 -21.75 -26.56 -8.58
CA LEU A 194 -22.09 -25.75 -7.40
C LEU A 194 -22.39 -26.67 -6.23
N ALA A 195 -23.05 -27.80 -6.45
CA ALA A 195 -23.34 -28.76 -5.36
C ALA A 195 -22.07 -29.25 -4.63
N GLU A 196 -20.89 -29.25 -5.27
CA GLU A 196 -19.61 -29.77 -4.72
C GLU A 196 -18.65 -28.60 -4.40
N LEU A 197 -19.04 -27.36 -4.67
CA LEU A 197 -18.08 -26.22 -4.57
C LEU A 197 -17.55 -26.07 -3.16
N ARG A 198 -18.44 -25.96 -2.15
CA ARG A 198 -17.95 -25.74 -0.79
C ARG A 198 -17.08 -26.88 -0.33
N GLU A 199 -17.50 -28.15 -0.53
CA GLU A 199 -16.72 -29.29 -0.02
C GLU A 199 -15.35 -29.33 -0.74
N THR A 200 -15.30 -29.08 -2.05
CA THR A 200 -14.01 -29.07 -2.79
C THR A 200 -13.10 -28.00 -2.21
N THR A 201 -13.64 -26.80 -1.95
CA THR A 201 -12.90 -25.65 -1.41
C THR A 201 -12.38 -25.99 -0.01
N ARG A 202 -13.25 -26.59 0.80
CA ARG A 202 -12.87 -26.97 2.17
C ARG A 202 -11.73 -27.98 2.14
N GLU A 203 -11.73 -28.96 1.25
CA GLU A 203 -10.64 -29.97 1.20
C GLU A 203 -9.32 -29.28 0.86
N LEU A 204 -9.36 -28.38 -0.12
CA LEU A 204 -8.16 -27.58 -0.49
C LEU A 204 -7.66 -26.77 0.68
N ALA A 205 -8.57 -26.10 1.40
CA ALA A 205 -8.20 -25.23 2.51
C ALA A 205 -7.50 -26.08 3.57
N LEU A 206 -8.04 -27.27 3.85
CA LEU A 206 -7.45 -28.11 4.92
C LEU A 206 -6.06 -28.58 4.47
N ASN A 207 -5.88 -28.88 3.18
CA ASN A 207 -4.54 -29.27 2.67
C ASN A 207 -3.55 -28.12 2.98
N LEU A 208 -3.95 -26.88 2.72
CA LEU A 208 -3.03 -25.73 2.85
C LEU A 208 -2.69 -25.54 4.36
N LEU A 209 -3.65 -25.84 5.22
CA LEU A 209 -3.44 -25.68 6.68
C LEU A 209 -2.40 -26.69 7.15
N GLU A 210 -2.14 -27.76 6.41
CA GLU A 210 -1.14 -28.79 6.81
C GLU A 210 0.27 -28.22 6.65
N LYS A 211 0.45 -27.14 5.89
CA LYS A 211 1.78 -26.60 5.58
C LYS A 211 2.30 -25.66 6.66
N ASN A 212 3.62 -25.59 6.79
CA ASN A 212 4.28 -24.59 7.64
C ASN A 212 3.84 -23.22 7.14
N PRO A 213 3.13 -22.39 7.94
CA PRO A 213 2.59 -21.12 7.45
C PRO A 213 3.66 -20.15 6.94
N VAL A 214 4.82 -20.09 7.58
CA VAL A 214 5.88 -19.14 7.20
C VAL A 214 6.45 -19.59 5.85
N VAL A 215 6.60 -20.89 5.68
CA VAL A 215 7.17 -21.50 4.45
C VAL A 215 6.15 -21.29 3.33
N LEU A 216 4.87 -21.51 3.61
CA LEU A 216 3.83 -21.38 2.57
C LEU A 216 3.76 -19.92 2.10
N ARG A 217 3.81 -18.98 3.03
CA ARG A 217 3.84 -17.53 2.75
C ARG A 217 5.04 -17.23 1.83
N ALA A 218 6.24 -17.76 2.13
CA ALA A 218 7.44 -17.50 1.30
C ALA A 218 7.24 -18.07 -0.09
N ALA A 219 6.65 -19.25 -0.17
CA ALA A 219 6.53 -19.97 -1.44
C ALA A 219 5.53 -19.26 -2.37
N LYS A 220 4.36 -18.96 -1.86
CA LYS A 220 3.26 -18.38 -2.66
C LYS A 220 3.61 -16.94 -3.03
N ASN A 221 4.08 -16.15 -2.08
CA ASN A 221 4.26 -14.70 -2.34
C ASN A 221 5.56 -14.51 -3.16
N GLY A 222 6.60 -15.28 -2.89
CA GLY A 222 7.80 -15.27 -3.72
C GLY A 222 7.49 -15.62 -5.15
N PHE A 223 6.61 -16.59 -5.40
CA PHE A 223 6.21 -16.95 -6.77
C PHE A 223 5.62 -15.72 -7.46
N LYS A 224 4.66 -15.07 -6.80
CA LYS A 224 4.02 -13.91 -7.45
C LYS A 224 5.05 -12.84 -7.83
N ARG A 225 5.97 -12.58 -6.93
CA ARG A 225 7.01 -11.56 -7.17
C ARG A 225 7.99 -12.01 -8.26
N CYS A 226 8.32 -13.31 -8.29
CA CYS A 226 9.41 -13.76 -9.21
C CYS A 226 8.95 -13.58 -10.64
N ARG A 227 7.65 -13.54 -10.88
CA ARG A 227 7.12 -13.27 -12.25
C ARG A 227 7.65 -11.94 -12.75
N GLU A 228 7.93 -10.98 -11.88
CA GLU A 228 8.30 -9.59 -12.27
C GLU A 228 9.80 -9.45 -12.49
N LEU A 229 10.61 -10.45 -12.06
CA LEU A 229 12.08 -10.27 -11.95
C LEU A 229 12.73 -11.21 -12.99
N THR A 230 13.88 -10.81 -13.48
CA THR A 230 14.71 -11.63 -14.39
C THR A 230 15.22 -12.87 -13.63
N TRP A 231 15.76 -13.81 -14.38
CA TRP A 231 16.41 -15.00 -13.78
C TRP A 231 17.54 -14.52 -12.88
N GLU A 232 18.40 -13.58 -13.33
CA GLU A 232 19.54 -13.17 -12.47
C GLU A 232 19.04 -12.48 -11.22
N GLN A 233 18.05 -11.61 -11.36
CA GLN A 233 17.48 -10.98 -10.17
C GLN A 233 16.91 -12.02 -9.21
N ASN A 234 16.23 -13.03 -9.77
CA ASN A 234 15.54 -14.08 -8.98
C ASN A 234 16.56 -15.01 -8.27
N GLU A 235 17.75 -15.23 -8.82
CA GLU A 235 18.75 -16.03 -8.08
C GLU A 235 18.97 -15.42 -6.69
N ASP A 236 19.07 -14.09 -6.67
CA ASP A 236 19.25 -13.30 -5.43
C ASP A 236 17.95 -13.30 -4.64
N TYR A 237 16.87 -12.88 -5.25
CA TYR A 237 15.58 -12.72 -4.54
C TYR A 237 15.10 -14.07 -3.96
N LEU A 238 15.09 -15.16 -4.77
CA LEU A 238 14.42 -16.39 -4.32
C LEU A 238 15.28 -17.07 -3.25
N TYR A 239 16.60 -16.98 -3.32
CA TYR A 239 17.46 -17.47 -2.19
C TYR A 239 17.25 -16.61 -0.97
N ALA A 240 17.05 -15.29 -1.12
CA ALA A 240 16.78 -14.41 0.04
C ALA A 240 15.46 -14.82 0.67
N LYS A 241 14.41 -15.09 -0.12
CA LYS A 241 13.12 -15.55 0.48
C LYS A 241 13.28 -16.91 1.20
N LEU A 242 14.10 -17.80 0.64
CA LEU A 242 14.35 -19.12 1.29
C LEU A 242 15.05 -18.87 2.64
N ASP A 243 16.05 -18.02 2.66
CA ASP A 243 16.85 -17.81 3.92
C ASP A 243 15.99 -17.06 4.92
N GLN A 244 15.18 -16.12 4.42
CA GLN A 244 14.19 -15.40 5.27
C GLN A 244 13.22 -16.40 5.90
N SER A 245 12.71 -17.38 5.13
CA SER A 245 11.79 -18.42 5.64
C SER A 245 12.48 -19.14 6.81
N ARG A 246 13.72 -19.50 6.60
CA ARG A 246 14.51 -20.33 7.57
C ARG A 246 14.64 -19.53 8.85
N LEU A 247 14.88 -18.24 8.77
CA LEU A 247 15.00 -17.37 9.97
C LEU A 247 13.65 -17.28 10.68
N LEU A 248 12.54 -17.08 9.94
CA LEU A 248 11.23 -16.67 10.52
C LEU A 248 10.46 -17.89 11.02
N ASP A 249 10.90 -19.10 10.67
CA ASP A 249 10.11 -20.33 10.89
C ASP A 249 10.13 -20.69 12.38
N SER B 2 -5.10 24.84 19.21
CA SER B 2 -4.74 24.26 17.88
C SER B 2 -5.74 23.17 17.51
N LYS B 3 -6.20 23.16 16.26
CA LYS B 3 -7.11 22.14 15.66
C LYS B 3 -6.72 20.72 16.07
N TYR B 4 -5.42 20.41 16.14
CA TYR B 4 -4.89 19.03 16.32
C TYR B 4 -4.16 18.90 17.66
N GLU B 5 -4.31 19.90 18.54
CA GLU B 5 -3.61 19.91 19.85
C GLU B 5 -3.89 18.61 20.62
N GLY B 6 -2.85 18.03 21.19
CA GLY B 6 -2.93 16.84 22.08
C GLY B 6 -3.41 15.59 21.38
N ARG B 7 -3.66 15.60 20.05
CA ARG B 7 -4.33 14.47 19.34
C ARG B 7 -3.42 13.24 19.27
N TRP B 8 -2.10 13.42 19.09
CA TRP B 8 -1.12 12.31 18.99
C TRP B 8 -0.06 12.49 20.04
N THR B 9 0.44 11.37 20.56
CA THR B 9 1.38 11.28 21.68
C THR B 9 2.83 11.45 21.22
N THR B 10 3.17 11.12 19.97
CA THR B 10 4.57 11.10 19.49
C THR B 10 4.78 12.10 18.34
N VAL B 11 3.71 12.76 17.90
CA VAL B 11 3.67 13.72 16.75
C VAL B 11 2.82 14.94 17.13
N LYS B 12 3.21 16.10 16.64
CA LYS B 12 2.48 17.38 16.73
C LYS B 12 2.21 17.87 15.31
N VAL B 13 1.04 18.42 15.09
CA VAL B 13 0.62 19.05 13.82
C VAL B 13 0.09 20.45 14.12
N GLU B 14 0.63 21.44 13.44
CA GLU B 14 0.25 22.87 13.54
C GLU B 14 -0.05 23.36 12.12
N LEU B 15 -1.28 23.79 11.85
CA LEU B 15 -1.63 24.43 10.56
C LEU B 15 -1.39 25.93 10.66
N GLU B 16 -0.73 26.48 9.67
CA GLU B 16 -0.52 27.94 9.49
C GLU B 16 -0.70 28.32 8.02
N ALA B 17 -1.81 29.01 7.68
CA ALA B 17 -2.07 29.62 6.36
C ALA B 17 -1.83 28.60 5.23
N GLY B 18 -2.27 27.36 5.44
CA GLY B 18 -2.22 26.33 4.37
C GLY B 18 -1.07 25.38 4.59
N ILE B 19 -0.17 25.71 5.51
CA ILE B 19 1.02 24.84 5.77
C ILE B 19 0.72 23.95 6.95
N ALA B 20 0.78 22.63 6.75
CA ALA B 20 0.70 21.66 7.86
C ALA B 20 2.11 21.34 8.34
N TRP B 21 2.52 21.96 9.43
CA TRP B 21 3.83 21.66 10.06
C TRP B 21 3.70 20.38 10.89
N VAL B 22 4.31 19.29 10.45
CA VAL B 22 4.26 17.98 11.13
C VAL B 22 5.59 17.76 11.83
N THR B 23 5.55 17.70 13.16
CA THR B 23 6.78 17.56 13.97
C THR B 23 6.80 16.16 14.59
N LEU B 24 7.78 15.34 14.24
CA LEU B 24 8.10 14.09 14.98
C LEU B 24 8.53 14.50 16.39
N ASN B 25 7.85 13.97 17.40
CA ASN B 25 7.87 14.62 18.75
C ASN B 25 8.15 13.60 19.84
N ARG B 26 9.36 13.08 19.86
CA ARG B 26 9.92 12.26 20.96
C ARG B 26 11.34 12.76 21.19
N PRO B 27 11.50 14.08 21.49
CA PRO B 27 12.81 14.72 21.44
C PRO B 27 13.91 14.07 22.31
N GLU B 28 13.52 13.59 23.50
CA GLU B 28 14.42 12.89 24.46
C GLU B 28 14.93 11.58 23.85
N LYS B 29 14.23 11.03 22.83
CA LYS B 29 14.65 9.79 22.13
C LYS B 29 15.08 10.14 20.70
N ARG B 30 15.34 11.42 20.44
CA ARG B 30 15.82 11.92 19.12
C ARG B 30 14.79 11.54 18.05
N ASN B 31 13.52 11.54 18.46
CA ASN B 31 12.34 11.25 17.61
C ASN B 31 12.52 9.88 16.94
N ALA B 32 13.11 8.92 17.63
CA ALA B 32 13.20 7.52 17.14
C ALA B 32 11.79 7.03 16.75
N MET B 33 11.68 6.33 15.62
CA MET B 33 10.39 5.88 15.06
C MET B 33 10.02 4.54 15.73
N SER B 34 9.21 4.65 16.77
CA SER B 34 8.60 3.51 17.49
C SER B 34 7.40 3.02 16.70
N PRO B 35 6.93 1.78 16.97
CA PRO B 35 5.65 1.34 16.40
C PRO B 35 4.51 2.31 16.70
N THR B 36 4.44 2.91 17.90
CA THR B 36 3.36 3.88 18.16
C THR B 36 3.51 5.07 17.20
N LEU B 37 4.72 5.62 17.11
CA LEU B 37 4.93 6.76 16.16
C LEU B 37 4.50 6.34 14.77
N ASN B 38 4.84 5.13 14.33
CA ASN B 38 4.47 4.71 12.95
C ASN B 38 2.93 4.73 12.80
N ARG B 39 2.17 4.13 13.76
CA ARG B 39 0.69 4.11 13.66
C ARG B 39 0.15 5.54 13.67
N GLU B 40 0.70 6.40 14.51
CA GLU B 40 0.21 7.80 14.63
C GLU B 40 0.48 8.55 13.33
N MET B 41 1.62 8.27 12.70
CA MET B 41 1.98 9.02 11.45
C MET B 41 1.11 8.55 10.28
N VAL B 42 0.71 7.27 10.24
CA VAL B 42 -0.31 6.83 9.26
C VAL B 42 -1.58 7.66 9.42
N ASP B 43 -2.05 7.79 10.67
CA ASP B 43 -3.26 8.57 11.01
C ASP B 43 -3.09 10.06 10.65
N VAL B 44 -1.94 10.66 10.97
CA VAL B 44 -1.63 12.06 10.55
C VAL B 44 -1.78 12.24 9.04
N LEU B 45 -1.14 11.37 8.24
CA LEU B 45 -1.17 11.54 6.78
C LEU B 45 -2.58 11.35 6.24
N GLU B 46 -3.35 10.38 6.77
CA GLU B 46 -4.71 10.10 6.27
C GLU B 46 -5.60 11.29 6.65
N THR B 47 -5.39 11.83 7.84
CA THR B 47 -6.21 12.95 8.36
C THR B 47 -5.92 14.20 7.53
N LEU B 48 -4.63 14.51 7.35
CA LEU B 48 -4.24 15.73 6.63
C LEU B 48 -4.62 15.63 5.16
N GLU B 49 -4.66 14.43 4.58
CA GLU B 49 -5.08 14.31 3.16
C GLU B 49 -6.48 14.89 2.98
N GLN B 50 -7.35 14.70 3.98
CA GLN B 50 -8.78 15.11 3.81
C GLN B 50 -9.04 16.47 4.47
N ASP B 51 -8.02 17.10 5.04
CA ASP B 51 -8.13 18.45 5.69
C ASP B 51 -7.93 19.50 4.62
N ALA B 52 -9.02 20.12 4.17
CA ALA B 52 -9.08 21.19 3.14
C ALA B 52 -8.18 22.38 3.51
N ASP B 53 -7.82 22.54 4.77
CA ASP B 53 -7.02 23.70 5.27
C ASP B 53 -5.52 23.41 5.13
N ALA B 54 -5.14 22.16 4.79
CA ALA B 54 -3.73 21.77 4.65
C ALA B 54 -3.47 21.63 3.15
N GLY B 55 -2.61 22.48 2.60
CA GLY B 55 -2.27 22.47 1.16
C GLY B 55 -0.87 21.93 0.92
N VAL B 56 -0.02 21.88 1.93
CA VAL B 56 1.39 21.43 1.87
C VAL B 56 1.77 20.92 3.24
N LEU B 57 2.55 19.84 3.28
CA LEU B 57 3.09 19.23 4.50
C LEU B 57 4.59 19.51 4.58
N VAL B 58 5.01 19.92 5.78
CA VAL B 58 6.42 19.98 6.17
C VAL B 58 6.68 19.00 7.28
N LEU B 59 7.60 18.09 7.06
CA LEU B 59 7.96 17.07 8.06
C LEU B 59 9.28 17.47 8.73
N THR B 60 9.23 17.72 10.04
CA THR B 60 10.40 18.20 10.82
C THR B 60 10.44 17.43 12.15
N GLY B 61 11.47 17.68 12.94
CA GLY B 61 11.72 16.96 14.20
C GLY B 61 11.79 17.94 15.34
N ALA B 62 11.36 17.50 16.52
CA ALA B 62 11.46 18.32 17.76
C ALA B 62 12.91 18.34 18.20
N GLY B 63 13.33 19.40 18.88
CA GLY B 63 14.66 19.45 19.51
C GLY B 63 15.77 19.46 18.46
N GLU B 64 16.90 18.88 18.78
CA GLU B 64 18.11 18.90 17.93
C GLU B 64 18.08 17.72 16.93
N SER B 65 16.95 17.02 16.83
CA SER B 65 16.84 15.79 15.99
C SER B 65 15.80 15.96 14.90
N TRP B 66 16.06 15.39 13.72
CA TRP B 66 14.99 15.16 12.74
C TRP B 66 14.38 13.81 13.12
N THR B 67 15.07 12.72 12.83
CA THR B 67 14.86 11.39 13.46
C THR B 67 16.15 10.61 13.45
N ALA B 68 16.43 9.92 14.56
CA ALA B 68 17.62 9.08 14.72
C ALA B 68 17.37 7.73 14.07
N GLY B 69 16.18 7.51 13.50
CA GLY B 69 15.84 6.25 12.83
C GLY B 69 14.93 5.40 13.69
N MET B 70 15.02 4.09 13.49
CA MET B 70 14.05 3.20 14.15
C MET B 70 14.37 3.04 15.64
N ASP B 71 13.32 3.02 16.45
CA ASP B 71 13.46 2.87 17.92
C ASP B 71 13.72 1.38 18.20
N LEU B 72 14.97 1.00 18.46
CA LEU B 72 15.39 -0.41 18.71
C LEU B 72 14.57 -0.99 19.86
N LYS B 73 14.67 -0.38 21.05
CA LYS B 73 14.03 -0.88 22.30
C LYS B 73 12.56 -1.21 22.01
N GLU B 74 11.79 -0.25 21.49
CA GLU B 74 10.31 -0.31 21.37
C GLU B 74 9.89 -1.35 20.33
N TYR B 75 10.61 -1.44 19.21
CA TYR B 75 10.34 -2.44 18.14
C TYR B 75 10.34 -3.84 18.77
N PHE B 76 11.44 -4.22 19.45
CA PHE B 76 11.73 -5.59 19.98
C PHE B 76 10.85 -5.92 21.20
N ARG B 77 10.59 -4.95 22.07
CA ARG B 77 9.64 -5.17 23.19
C ARG B 77 8.29 -5.56 22.58
N GLU B 78 7.90 -4.93 21.47
CA GLU B 78 6.57 -5.15 20.84
C GLU B 78 6.59 -6.46 20.03
N VAL B 79 7.69 -6.75 19.32
CA VAL B 79 7.83 -7.97 18.46
C VAL B 79 7.92 -9.22 19.35
N ASP B 80 8.90 -9.30 20.26
CA ASP B 80 9.22 -10.49 21.10
C ASP B 80 7.99 -10.89 21.94
N ALA B 81 7.15 -9.93 22.31
CA ALA B 81 5.90 -10.13 23.10
C ALA B 81 4.80 -10.77 22.24
N GLY B 82 4.99 -10.92 20.93
CA GLY B 82 3.95 -11.39 20.00
C GLY B 82 4.41 -12.57 19.15
N PRO B 83 3.48 -13.23 18.43
CA PRO B 83 3.86 -14.25 17.45
C PRO B 83 4.55 -13.59 16.25
N GLU B 84 5.16 -14.41 15.40
CA GLU B 84 5.91 -13.99 14.19
C GLU B 84 5.13 -12.91 13.42
N ILE B 85 3.80 -13.08 13.32
CA ILE B 85 2.95 -12.28 12.39
C ILE B 85 2.95 -10.81 12.82
N LEU B 86 3.28 -10.48 14.07
CA LEU B 86 3.31 -9.07 14.50
C LEU B 86 4.42 -8.31 13.76
N GLN B 87 5.57 -8.93 13.50
CA GLN B 87 6.68 -8.29 12.76
C GLN B 87 6.18 -7.87 11.37
N GLU B 88 5.38 -8.69 10.70
CA GLU B 88 4.85 -8.31 9.37
C GLU B 88 3.99 -7.05 9.45
N LYS B 89 3.15 -6.94 10.48
CA LYS B 89 2.27 -5.77 10.68
C LYS B 89 3.07 -4.53 11.04
N ILE B 90 4.07 -4.70 11.89
CA ILE B 90 4.91 -3.57 12.37
C ILE B 90 5.71 -3.03 11.18
N ARG B 91 6.24 -3.91 10.36
CA ARG B 91 6.96 -3.44 9.12
C ARG B 91 5.99 -2.72 8.18
N ARG B 92 4.77 -3.23 7.96
CA ARG B 92 3.78 -2.61 7.06
C ARG B 92 3.48 -1.20 7.57
N GLU B 93 3.36 -1.04 8.89
CA GLU B 93 2.98 0.28 9.51
C GLU B 93 4.12 1.28 9.26
N ALA B 94 5.37 0.84 9.38
CA ALA B 94 6.56 1.66 9.07
C ALA B 94 6.46 2.08 7.60
N SER B 95 6.32 1.12 6.70
CA SER B 95 6.22 1.44 5.26
C SER B 95 5.08 2.39 4.93
N GLN B 96 3.91 2.14 5.53
CA GLN B 96 2.65 2.82 5.22
C GLN B 96 2.84 4.32 5.32
N TRP B 97 3.38 4.83 6.43
CA TRP B 97 3.58 6.29 6.53
C TRP B 97 4.87 6.71 5.85
N GLN B 98 5.92 5.89 5.89
CA GLN B 98 7.26 6.36 5.50
C GLN B 98 7.27 6.60 3.99
N TRP B 99 6.55 5.82 3.21
CA TRP B 99 6.58 5.95 1.74
C TRP B 99 5.32 5.45 1.04
N LYS B 100 4.58 4.45 1.54
CA LYS B 100 3.41 4.01 0.73
C LYS B 100 2.35 5.10 0.57
N LEU B 101 2.03 5.83 1.64
CA LEU B 101 1.20 7.05 1.52
C LEU B 101 2.06 8.26 1.13
N LEU B 102 3.28 8.38 1.63
CA LEU B 102 4.02 9.66 1.62
C LEU B 102 4.63 9.90 0.24
N ARG B 103 5.21 8.89 -0.42
CA ARG B 103 6.03 9.17 -1.61
C ARG B 103 5.17 9.75 -2.74
N LEU B 104 3.96 9.23 -2.93
CA LEU B 104 3.02 9.69 -3.97
C LEU B 104 1.80 10.35 -3.28
N TYR B 105 2.09 11.09 -2.23
CA TYR B 105 1.06 11.82 -1.44
C TYR B 105 0.30 12.77 -2.36
N ALA B 106 -0.99 12.95 -2.10
CA ALA B 106 -1.84 13.81 -2.93
C ALA B 106 -1.41 15.29 -2.85
N LYS B 107 -0.81 15.68 -1.73
CA LYS B 107 -0.38 17.08 -1.49
C LYS B 107 1.14 17.15 -1.56
N PRO B 108 1.72 18.33 -1.88
CA PRO B 108 3.17 18.48 -1.89
C PRO B 108 3.73 18.32 -0.49
N THR B 109 4.89 17.73 -0.42
CA THR B 109 5.58 17.41 0.83
C THR B 109 7.00 17.94 0.80
N ILE B 110 7.47 18.43 1.96
CA ILE B 110 8.85 18.95 2.13
C ILE B 110 9.41 18.45 3.45
N ALA B 111 10.59 17.85 3.44
CA ALA B 111 11.32 17.46 4.66
C ALA B 111 12.14 18.70 5.06
N MET B 112 11.97 19.09 6.31
CA MET B 112 12.74 20.21 6.90
C MET B 112 13.63 19.59 7.95
N VAL B 113 14.87 19.32 7.56
CA VAL B 113 15.82 18.48 8.32
C VAL B 113 16.64 19.41 9.23
N ASN B 114 16.25 19.44 10.48
CA ASN B 114 16.74 20.45 11.46
C ASN B 114 17.96 19.91 12.22
N GLY B 115 18.27 18.62 12.13
CA GLY B 115 19.27 17.95 12.97
C GLY B 115 19.48 16.51 12.54
N TRP B 116 19.78 15.63 13.48
CA TRP B 116 20.16 14.23 13.23
C TRP B 116 19.16 13.58 12.28
N CYS B 117 19.68 12.94 11.24
CA CYS B 117 18.86 12.12 10.31
C CYS B 117 19.65 10.83 10.07
N PHE B 118 19.28 9.74 10.74
CA PHE B 118 20.02 8.47 10.68
C PHE B 118 19.10 7.33 10.18
N GLY B 119 19.74 6.38 9.49
CA GLY B 119 19.17 5.06 9.19
C GLY B 119 17.77 5.15 8.60
N GLY B 120 16.78 4.59 9.27
CA GLY B 120 15.38 4.57 8.80
C GLY B 120 14.81 5.91 8.39
N GLY B 121 15.34 7.03 8.89
CA GLY B 121 14.85 8.35 8.51
C GLY B 121 15.05 8.61 7.03
N PHE B 122 15.97 7.92 6.38
CA PHE B 122 16.24 8.16 4.93
C PHE B 122 14.99 7.85 4.08
N SER B 123 14.14 6.91 4.48
CA SER B 123 12.94 6.53 3.70
C SER B 123 11.96 7.70 3.63
N PRO B 124 11.46 8.26 4.75
CA PRO B 124 10.54 9.37 4.61
C PRO B 124 11.26 10.62 4.05
N LEU B 125 12.55 10.75 4.29
CA LEU B 125 13.33 11.91 3.77
C LEU B 125 13.17 11.99 2.27
N VAL B 126 13.31 10.83 1.60
CA VAL B 126 13.26 10.80 0.12
C VAL B 126 11.84 10.64 -0.40
N ALA B 127 10.90 10.07 0.38
CA ALA B 127 9.50 10.02 -0.01
C ALA B 127 8.99 11.46 -0.09
N CYS B 128 9.35 12.30 0.90
CA CYS B 128 9.04 13.75 0.81
C CYS B 128 9.49 14.27 -0.57
N ASP B 129 8.68 15.09 -1.22
CA ASP B 129 8.98 15.54 -2.61
C ASP B 129 10.31 16.31 -2.60
N LEU B 130 10.38 17.31 -1.75
CA LEU B 130 11.53 18.27 -1.66
C LEU B 130 12.12 18.20 -0.24
N ALA B 131 13.31 18.71 -0.05
CA ALA B 131 13.97 18.68 1.27
C ALA B 131 14.92 19.85 1.38
N ILE B 132 14.87 20.53 2.53
CA ILE B 132 15.87 21.56 2.94
C ILE B 132 16.45 21.09 4.27
N CYS B 133 17.75 21.17 4.41
CA CYS B 133 18.37 20.82 5.68
C CYS B 133 19.08 22.06 6.26
N ALA B 134 19.38 21.98 7.53
CA ALA B 134 20.41 22.85 8.17
C ALA B 134 21.80 22.36 7.78
N ASN B 135 22.73 23.31 7.61
CA ASN B 135 24.20 23.07 7.54
C ASN B 135 24.60 22.24 8.76
N GLU B 136 23.97 22.53 9.89
CA GLU B 136 24.29 21.92 11.21
C GLU B 136 23.74 20.49 11.30
N ALA B 137 22.93 20.04 10.36
CA ALA B 137 22.38 18.67 10.41
C ALA B 137 23.49 17.66 10.11
N THR B 138 23.40 16.51 10.77
CA THR B 138 24.29 15.35 10.59
C THR B 138 23.41 14.19 10.14
N PHE B 139 23.93 13.49 9.16
CA PHE B 139 23.25 12.36 8.45
C PHE B 139 24.17 11.16 8.58
N GLY B 140 23.59 9.97 8.58
CA GLY B 140 24.40 8.78 8.44
C GLY B 140 23.56 7.55 8.27
N LEU B 141 24.14 6.57 7.60
CA LEU B 141 23.56 5.21 7.51
C LEU B 141 24.31 4.28 8.43
N SER B 142 24.00 4.37 9.72
CA SER B 142 24.71 3.73 10.84
C SER B 142 24.38 2.24 10.87
N GLU B 143 23.39 1.77 10.07
CA GLU B 143 22.97 0.35 10.13
C GLU B 143 24.19 -0.60 10.11
N ILE B 144 25.17 -0.37 9.23
CA ILE B 144 26.30 -1.32 9.04
C ILE B 144 27.08 -1.48 10.36
N ASN B 145 27.21 -0.40 11.14
CA ASN B 145 27.97 -0.39 12.41
C ASN B 145 27.10 -0.99 13.52
N TRP B 146 25.78 -1.09 13.34
CA TRP B 146 24.88 -1.85 14.28
C TRP B 146 24.73 -3.32 13.84
N GLY B 147 25.37 -3.77 12.75
CA GLY B 147 25.33 -5.18 12.29
C GLY B 147 24.07 -5.50 11.49
N ILE B 148 23.38 -4.51 10.91
CA ILE B 148 22.27 -4.77 9.92
C ILE B 148 22.51 -4.00 8.63
N PRO B 149 22.09 -4.57 7.48
CA PRO B 149 22.08 -3.79 6.24
C PRO B 149 20.92 -2.83 6.40
N PRO B 150 20.84 -1.74 5.59
CA PRO B 150 19.71 -0.81 5.65
C PRO B 150 18.40 -1.55 5.44
N GLY B 151 17.45 -1.34 6.35
CA GLY B 151 16.11 -1.96 6.33
C GLY B 151 15.08 -1.08 5.67
N ASN B 152 13.92 -1.65 5.39
CA ASN B 152 12.81 -0.93 4.76
C ASN B 152 13.38 -0.36 3.45
N LEU B 153 13.00 0.83 3.08
CA LEU B 153 13.34 1.40 1.74
C LEU B 153 14.58 2.30 1.78
N VAL B 154 15.39 2.25 2.83
CA VAL B 154 16.55 3.17 2.97
C VAL B 154 17.51 3.07 1.76
N SER B 155 17.85 1.87 1.32
CA SER B 155 18.83 1.73 0.24
C SER B 155 18.25 2.27 -1.10
N LYS B 156 16.94 2.15 -1.26
CA LYS B 156 16.27 2.64 -2.50
C LYS B 156 16.18 4.16 -2.44
N ALA B 157 15.90 4.68 -1.26
CA ALA B 157 15.91 6.13 -1.02
C ALA B 157 17.25 6.74 -1.45
N MET B 158 18.36 6.09 -1.08
CA MET B 158 19.69 6.49 -1.56
C MET B 158 19.79 6.31 -3.07
N ALA B 159 19.39 5.15 -3.58
CA ALA B 159 19.55 4.84 -5.02
C ALA B 159 18.83 5.91 -5.86
N ASP B 160 17.74 6.48 -5.35
CA ASP B 160 16.95 7.44 -6.16
C ASP B 160 17.58 8.83 -6.13
N THR B 161 18.41 9.15 -5.13
CA THR B 161 18.85 10.56 -4.94
C THR B 161 20.35 10.76 -4.98
N VAL B 162 21.16 9.75 -4.64
CA VAL B 162 22.62 9.89 -4.43
C VAL B 162 23.29 8.96 -5.42
N GLY B 163 24.30 9.47 -6.09
CA GLY B 163 25.08 8.73 -7.08
C GLY B 163 25.53 7.40 -6.56
N HIS B 164 25.76 6.47 -7.47
CA HIS B 164 26.13 5.08 -7.13
C HIS B 164 27.31 5.04 -6.14
N ARG B 165 28.43 5.66 -6.52
CA ARG B 165 29.68 5.57 -5.70
C ARG B 165 29.46 6.17 -4.31
N GLN B 166 28.80 7.33 -4.23
CA GLN B 166 28.61 7.96 -2.90
C GLN B 166 27.65 7.14 -2.05
N SER B 167 26.58 6.61 -2.67
CA SER B 167 25.63 5.75 -1.97
C SER B 167 26.36 4.58 -1.34
N LEU B 168 27.16 3.89 -2.13
CA LEU B 168 27.88 2.69 -1.63
C LEU B 168 28.88 3.12 -0.55
N TYR B 169 29.57 4.24 -0.74
CA TYR B 169 30.57 4.69 0.26
C TYR B 169 29.87 4.86 1.61
N TYR B 170 28.73 5.52 1.66
CA TYR B 170 28.06 5.87 2.93
C TYR B 170 27.35 4.65 3.48
N ILE B 171 26.81 3.80 2.62
CA ILE B 171 26.19 2.54 3.12
C ILE B 171 27.25 1.59 3.70
N MET B 172 28.38 1.46 3.04
CA MET B 172 29.40 0.45 3.35
C MET B 172 30.22 0.91 4.56
N THR B 173 30.52 2.20 4.65
CA THR B 173 31.41 2.71 5.74
C THR B 173 30.60 3.14 6.95
N GLY B 174 29.36 3.58 6.77
CA GLY B 174 28.52 4.12 7.86
C GLY B 174 29.02 5.48 8.33
N LYS B 175 29.86 6.14 7.54
CA LYS B 175 30.43 7.47 7.88
C LYS B 175 29.34 8.51 7.93
N THR B 176 29.44 9.49 8.82
CA THR B 176 28.46 10.59 8.86
C THR B 176 28.84 11.68 7.84
N PHE B 177 27.87 12.49 7.48
CA PHE B 177 28.07 13.66 6.60
C PHE B 177 27.13 14.79 7.06
N ASP B 178 27.51 16.02 6.72
CA ASP B 178 26.80 17.23 7.21
C ASP B 178 25.80 17.72 6.17
N GLY B 179 25.08 18.81 6.46
CA GLY B 179 24.06 19.35 5.56
C GLY B 179 24.62 19.75 4.22
N ARG B 180 25.78 20.42 4.20
CA ARG B 180 26.39 20.85 2.91
C ARG B 180 26.63 19.61 2.02
N LYS B 181 27.20 18.54 2.57
CA LYS B 181 27.48 17.33 1.77
C LYS B 181 26.16 16.73 1.26
N ALA B 182 25.14 16.68 2.11
CA ALA B 182 23.78 16.18 1.74
C ALA B 182 23.29 16.92 0.50
N ALA B 183 23.45 18.24 0.46
CA ALA B 183 22.96 19.06 -0.66
C ALA B 183 23.86 18.77 -1.88
N GLU B 184 25.16 18.69 -1.67
CA GLU B 184 26.12 18.49 -2.78
C GLU B 184 25.76 17.15 -3.46
N MET B 185 25.43 16.12 -2.68
CA MET B 185 25.22 14.76 -3.23
C MET B 185 23.83 14.60 -3.84
N GLY B 186 22.90 15.54 -3.60
CA GLY B 186 21.55 15.44 -4.15
C GLY B 186 20.56 14.81 -3.22
N LEU B 187 20.93 14.51 -1.96
CA LEU B 187 19.99 13.92 -0.99
C LEU B 187 18.89 14.90 -0.64
N VAL B 188 19.24 16.19 -0.56
CA VAL B 188 18.28 17.30 -0.32
C VAL B 188 18.44 18.32 -1.44
N ASN B 189 17.46 19.22 -1.54
CA ASN B 189 17.51 20.35 -2.50
C ASN B 189 18.50 21.44 -2.06
N ASP B 190 18.62 21.70 -0.78
CA ASP B 190 19.44 22.85 -0.30
C ASP B 190 19.79 22.66 1.17
N SER B 191 20.95 23.17 1.56
CA SER B 191 21.40 23.24 2.95
C SER B 191 21.59 24.71 3.28
N VAL B 192 21.03 25.13 4.40
CA VAL B 192 21.09 26.55 4.84
C VAL B 192 21.45 26.55 6.31
N PRO B 193 21.95 27.70 6.83
CA PRO B 193 22.08 27.84 8.27
C PRO B 193 20.77 27.50 8.98
N LEU B 194 20.89 26.80 10.10
CA LEU B 194 19.72 26.41 10.91
C LEU B 194 18.86 27.65 11.15
N ALA B 195 19.47 28.82 11.40
CA ALA B 195 18.65 30.02 11.71
C ALA B 195 17.84 30.51 10.50
N GLU B 196 18.08 29.98 9.30
CA GLU B 196 17.31 30.35 8.08
C GLU B 196 16.48 29.15 7.55
N LEU B 197 16.55 28.02 8.22
CA LEU B 197 15.86 26.78 7.77
C LEU B 197 14.35 26.98 7.70
N ARG B 198 13.73 27.40 8.80
CA ARG B 198 12.27 27.59 8.77
C ARG B 198 11.87 28.57 7.68
N GLU B 199 12.52 29.72 7.58
CA GLU B 199 12.10 30.70 6.56
C GLU B 199 12.31 30.14 5.14
N THR B 200 13.41 29.45 4.89
CA THR B 200 13.66 28.89 3.54
C THR B 200 12.54 27.88 3.22
N THR B 201 12.25 27.01 4.17
CA THR B 201 11.21 25.98 3.99
C THR B 201 9.85 26.65 3.78
N ARG B 202 9.51 27.60 4.64
CA ARG B 202 8.26 28.32 4.52
C ARG B 202 8.08 28.99 3.16
N GLU B 203 9.09 29.64 2.57
CA GLU B 203 8.95 30.33 1.27
C GLU B 203 8.68 29.29 0.17
N LEU B 204 9.36 28.14 0.24
CA LEU B 204 9.14 27.03 -0.72
C LEU B 204 7.73 26.51 -0.57
N ALA B 205 7.28 26.24 0.66
CA ALA B 205 5.93 25.74 0.94
C ALA B 205 4.90 26.70 0.35
N LEU B 206 5.10 28.01 0.51
CA LEU B 206 4.06 28.97 0.09
C LEU B 206 4.06 29.05 -1.42
N ASN B 207 5.22 28.85 -2.07
CA ASN B 207 5.31 28.77 -3.53
C ASN B 207 4.40 27.61 -3.99
N LEU B 208 4.56 26.45 -3.40
CA LEU B 208 3.81 25.23 -3.80
C LEU B 208 2.31 25.41 -3.55
N LEU B 209 1.95 26.14 -2.49
CA LEU B 209 0.53 26.41 -2.12
C LEU B 209 -0.16 27.21 -3.24
N GLU B 210 0.57 28.01 -4.01
CA GLU B 210 -0.05 28.84 -5.07
C GLU B 210 -0.44 28.00 -6.28
N LYS B 211 0.08 26.77 -6.41
CA LYS B 211 -0.18 25.95 -7.60
C LYS B 211 -1.55 25.28 -7.46
N ASN B 212 -2.13 24.98 -8.60
CA ASN B 212 -3.37 24.19 -8.68
C ASN B 212 -3.07 22.83 -8.07
N PRO B 213 -3.72 22.40 -6.97
CA PRO B 213 -3.33 21.18 -6.29
C PRO B 213 -3.37 19.92 -7.19
N VAL B 214 -4.37 19.82 -8.05
CA VAL B 214 -4.59 18.61 -8.88
C VAL B 214 -3.45 18.53 -9.91
N VAL B 215 -3.06 19.69 -10.41
CA VAL B 215 -2.02 19.81 -11.46
C VAL B 215 -0.68 19.51 -10.78
N LEU B 216 -0.46 20.07 -9.60
CA LEU B 216 0.82 19.86 -8.88
C LEU B 216 0.97 18.35 -8.59
N ARG B 217 -0.10 17.73 -8.11
CA ARG B 217 -0.13 16.28 -7.83
C ARG B 217 0.25 15.53 -9.08
N ALA B 218 -0.41 15.79 -10.22
CA ALA B 218 -0.11 15.07 -11.51
C ALA B 218 1.36 15.26 -11.84
N ALA B 219 1.87 16.48 -11.65
CA ALA B 219 3.23 16.83 -12.10
C ALA B 219 4.26 16.10 -11.25
N LYS B 220 4.18 16.22 -9.91
CA LYS B 220 5.20 15.67 -8.97
C LYS B 220 5.12 14.15 -9.02
N ASN B 221 3.91 13.59 -8.98
CA ASN B 221 3.79 12.11 -8.82
C ASN B 221 4.07 11.43 -10.16
N GLY B 222 3.65 12.04 -11.25
CA GLY B 222 3.96 11.55 -12.60
C GLY B 222 5.46 11.54 -12.83
N PHE B 223 6.19 12.53 -12.32
CA PHE B 223 7.65 12.54 -12.48
C PHE B 223 8.21 11.32 -11.78
N LYS B 224 7.83 11.11 -10.51
CA LYS B 224 8.38 9.97 -9.76
C LYS B 224 8.11 8.67 -10.51
N ARG B 225 6.91 8.47 -11.04
CA ARG B 225 6.56 7.21 -11.75
C ARG B 225 7.31 7.18 -13.09
N CYS B 226 7.52 8.32 -13.75
CA CYS B 226 8.12 8.27 -15.14
C CYS B 226 9.53 7.74 -15.11
N ARG B 227 10.22 7.92 -14.00
CA ARG B 227 11.58 7.40 -13.79
C ARG B 227 11.56 5.91 -14.05
N GLU B 228 10.48 5.23 -13.77
CA GLU B 228 10.45 3.73 -13.79
C GLU B 228 10.07 3.21 -15.18
N LEU B 229 9.59 4.07 -16.07
CA LEU B 229 8.97 3.66 -17.34
C LEU B 229 9.87 4.06 -18.51
N THR B 230 9.77 3.31 -19.60
CA THR B 230 10.48 3.66 -20.83
C THR B 230 9.88 4.94 -21.45
N TRP B 231 10.57 5.48 -22.43
CA TRP B 231 10.00 6.64 -23.20
C TRP B 231 8.70 6.21 -23.86
N GLU B 232 8.61 5.02 -24.48
CA GLU B 232 7.36 4.65 -25.18
C GLU B 232 6.26 4.48 -24.15
N GLN B 233 6.56 3.87 -23.02
CA GLN B 233 5.54 3.70 -21.98
C GLN B 233 5.07 5.07 -21.46
N ASN B 234 6.00 5.99 -21.27
CA ASN B 234 5.72 7.34 -20.73
C ASN B 234 4.90 8.19 -21.71
N GLU B 235 5.05 8.00 -23.01
CA GLU B 235 4.17 8.73 -23.96
C GLU B 235 2.72 8.53 -23.57
N ASP B 236 2.38 7.28 -23.31
CA ASP B 236 1.03 6.85 -22.90
C ASP B 236 0.73 7.35 -21.49
N TYR B 237 1.56 7.01 -20.51
CA TYR B 237 1.34 7.34 -19.10
C TYR B 237 1.28 8.87 -18.89
N LEU B 238 2.27 9.62 -19.40
CA LEU B 238 2.33 11.06 -19.09
C LEU B 238 1.15 11.78 -19.77
N TYR B 239 0.75 11.41 -20.97
CA TYR B 239 -0.46 12.06 -21.57
C TYR B 239 -1.69 11.64 -20.79
N ALA B 240 -1.76 10.39 -20.31
CA ALA B 240 -2.90 10.00 -19.44
C ALA B 240 -2.93 10.83 -18.17
N LYS B 241 -1.80 11.10 -17.51
CA LYS B 241 -1.78 11.96 -16.30
C LYS B 241 -2.22 13.40 -16.62
N LEU B 242 -1.80 13.93 -17.76
CA LEU B 242 -2.20 15.27 -18.21
C LEU B 242 -3.72 15.27 -18.39
N ASP B 243 -4.28 14.31 -19.11
CA ASP B 243 -5.74 14.30 -19.39
C ASP B 243 -6.50 14.08 -18.08
N GLN B 244 -6.00 13.19 -17.22
CA GLN B 244 -6.57 12.95 -15.87
C GLN B 244 -6.62 14.27 -15.09
N SER B 245 -5.53 15.05 -15.10
CA SER B 245 -5.42 16.38 -14.46
C SER B 245 -6.55 17.28 -14.96
N ARG B 246 -6.74 17.31 -16.25
CA ARG B 246 -7.76 18.22 -16.87
C ARG B 246 -9.14 17.80 -16.38
N LEU B 247 -9.43 16.49 -16.33
CA LEU B 247 -10.73 16.03 -15.82
C LEU B 247 -10.91 16.46 -14.37
N LEU B 248 -9.89 16.29 -13.52
CA LEU B 248 -10.09 16.34 -12.04
C LEU B 248 -9.98 17.78 -11.57
N ASP B 249 -9.38 18.64 -12.37
CA ASP B 249 -9.30 20.09 -12.09
C ASP B 249 -10.72 20.70 -12.19
N THR B 250 -11.48 20.27 -13.22
CA THR B 250 -12.92 20.62 -13.44
C THR B 250 -13.76 19.92 -12.36
#